data_3CSM
#
_entry.id   3CSM
#
_cell.length_a   203.500
_cell.length_b   203.500
_cell.length_c   128.700
_cell.angle_alpha   90.00
_cell.angle_beta   90.00
_cell.angle_gamma   120.00
#
_symmetry.space_group_name_H-M   'H 3 2'
#
loop_
_entity.id
_entity.type
_entity.pdbx_description
1 polymer 'CHORISMATE MUTASE'
2 non-polymer TRYPTOPHAN
3 non-polymer '8-HYDROXY-2-OXA-BICYCLO[3.3.1]NON-6-ENE-3,5-DICARBOXYLIC ACID'
#
_entity_poly.entity_id   1
_entity_poly.type   'polypeptide(L)'
_entity_poly.pdbx_seq_one_letter_code
;MDFTKPETVLNLQNIRDELVRMEDSIIFKFIERSHFATCPSVYEANHPGLEIPNFKGSFLDWALSNLEIAHSRIRRFESP
DETPFFPDKIQKSFLPSINYPQILAPYAPEVNYNDKIKKVYIEKIIPLISKRDGDDKNNFGSVATRDIECLQSLSRRIHF
GKFVAEAKFQSDIPLYTKLIKSKDVEGIMKNITNSAVEEKILERLTKKAEVYGVDPTERRIERRITPEYLVKIYKEIVIP
ITKEVEVEYLLRRLEE
;
_entity_poly.pdbx_strand_id   A,B
#
# COMPACT_ATOMS: atom_id res chain seq x y z
N MET A 1 19.18 -28.98 6.77
CA MET A 1 17.84 -29.35 6.26
C MET A 1 17.90 -29.90 4.83
N ASP A 2 17.76 -31.23 4.73
CA ASP A 2 17.80 -31.98 3.46
C ASP A 2 16.51 -32.78 3.33
N PHE A 3 15.84 -32.73 2.17
CA PHE A 3 14.60 -33.50 2.00
C PHE A 3 14.69 -35.04 2.08
N THR A 4 15.89 -35.57 2.11
CA THR A 4 16.07 -37.01 2.23
C THR A 4 16.67 -37.39 3.61
N LYS A 5 16.36 -36.56 4.60
CA LYS A 5 16.76 -36.73 5.98
C LYS A 5 15.57 -36.14 6.70
N PRO A 6 14.40 -36.83 6.67
CA PRO A 6 13.16 -36.38 7.31
C PRO A 6 13.39 -35.70 8.66
N GLU A 7 14.36 -36.21 9.41
CA GLU A 7 14.70 -35.66 10.72
C GLU A 7 15.16 -34.19 10.64
N THR A 8 16.03 -33.85 9.68
CA THR A 8 16.49 -32.46 9.54
C THR A 8 15.39 -31.57 9.00
N VAL A 9 14.46 -32.16 8.25
CA VAL A 9 13.35 -31.43 7.67
C VAL A 9 12.33 -31.04 8.73
N LEU A 10 12.01 -32.00 9.60
CA LEU A 10 11.04 -31.75 10.66
C LEU A 10 11.59 -31.09 11.91
N ASN A 11 12.81 -30.61 11.84
CA ASN A 11 13.40 -29.94 13.00
C ASN A 11 12.88 -28.51 12.95
N LEU A 12 12.24 -28.06 14.03
CA LEU A 12 11.71 -26.70 14.07
C LEU A 12 12.76 -25.61 13.87
N GLN A 13 13.97 -25.85 14.38
CA GLN A 13 15.03 -24.87 14.23
C GLN A 13 15.48 -24.76 12.78
N ASN A 14 15.81 -25.89 12.18
CA ASN A 14 16.28 -25.91 10.79
C ASN A 14 15.29 -25.20 9.91
N ILE A 15 14.02 -25.42 10.22
CA ILE A 15 12.95 -24.80 9.46
C ILE A 15 13.02 -23.28 9.61
N ARG A 16 13.20 -22.80 10.82
CA ARG A 16 13.27 -21.37 11.01
C ARG A 16 14.46 -20.77 10.30
N ASP A 17 15.58 -21.51 10.30
CA ASP A 17 16.80 -21.05 9.63
C ASP A 17 16.55 -20.86 8.14
N GLU A 18 15.84 -21.83 7.57
CA GLU A 18 15.50 -21.76 6.16
C GLU A 18 14.58 -20.55 5.93
N LEU A 19 13.56 -20.33 6.78
CA LEU A 19 12.68 -19.17 6.56
C LEU A 19 13.48 -17.87 6.57
N VAL A 20 14.54 -17.87 7.38
CA VAL A 20 15.40 -16.71 7.48
C VAL A 20 16.15 -16.44 6.17
N ARG A 21 16.75 -17.46 5.57
CA ARG A 21 17.50 -17.23 4.32
C ARG A 21 16.53 -16.62 3.33
N MET A 22 15.25 -17.01 3.43
CA MET A 22 14.26 -16.48 2.52
C MET A 22 13.98 -14.99 2.63
N GLU A 23 14.14 -14.46 3.82
CA GLU A 23 13.90 -13.05 4.02
C GLU A 23 14.66 -12.22 2.99
N ASP A 24 15.92 -12.55 2.82
CA ASP A 24 16.77 -11.84 1.88
C ASP A 24 16.24 -12.03 0.46
N SER A 25 15.96 -13.27 0.09
CA SER A 25 15.44 -13.56 -1.24
C SER A 25 14.27 -12.64 -1.57
N ILE A 26 13.31 -12.57 -0.67
CA ILE A 26 12.13 -11.76 -0.87
C ILE A 26 12.47 -10.28 -1.01
N ILE A 27 13.37 -9.81 -0.16
CA ILE A 27 13.79 -8.44 -0.19
C ILE A 27 14.36 -8.15 -1.59
N PHE A 28 15.30 -8.97 -1.99
CA PHE A 28 15.90 -8.80 -3.29
C PHE A 28 14.82 -8.74 -4.37
N LYS A 29 13.87 -9.66 -4.30
CA LYS A 29 12.83 -9.70 -5.29
C LYS A 29 11.99 -8.45 -5.28
N PHE A 30 11.68 -7.96 -4.08
CA PHE A 30 10.90 -6.74 -3.96
C PHE A 30 11.69 -5.62 -4.62
N ILE A 31 12.93 -5.45 -4.18
CA ILE A 31 13.79 -4.43 -4.73
C ILE A 31 13.79 -4.41 -6.25
N GLU A 32 13.82 -5.59 -6.87
CA GLU A 32 13.79 -5.67 -8.33
C GLU A 32 12.46 -5.16 -8.90
N ARG A 33 11.37 -5.61 -8.31
CA ARG A 33 10.07 -5.17 -8.77
C ARG A 33 9.88 -3.65 -8.60
N SER A 34 10.52 -3.10 -7.56
CA SER A 34 10.42 -1.68 -7.22
C SER A 34 10.85 -0.73 -8.32
N HIS A 35 11.58 -1.24 -9.30
CA HIS A 35 12.04 -0.39 -10.39
C HIS A 35 10.96 -0.01 -11.39
N PHE A 36 9.81 -0.69 -11.34
CA PHE A 36 8.72 -0.43 -12.30
C PHE A 36 7.44 0.08 -11.68
N ALA A 37 6.61 0.70 -12.52
CA ALA A 37 5.33 1.25 -12.06
C ALA A 37 4.40 0.10 -11.64
N THR A 38 3.24 0.44 -11.11
CA THR A 38 2.34 -0.61 -10.66
C THR A 38 1.82 -1.49 -11.80
N CYS A 39 1.61 -0.88 -12.98
CA CYS A 39 1.10 -1.59 -14.16
C CYS A 39 -0.20 -2.36 -13.97
N PRO A 40 -1.28 -1.63 -13.67
CA PRO A 40 -2.61 -2.18 -13.45
C PRO A 40 -3.00 -3.23 -14.50
N SER A 41 -2.87 -2.84 -15.78
CA SER A 41 -3.23 -3.74 -16.86
C SER A 41 -2.71 -5.17 -16.82
N VAL A 42 -1.58 -5.39 -16.16
CA VAL A 42 -1.00 -6.75 -16.09
C VAL A 42 -1.83 -7.71 -15.30
N TYR A 43 -2.51 -7.18 -14.30
CA TYR A 43 -3.30 -7.97 -13.38
C TYR A 43 -4.78 -8.06 -13.74
N GLU A 44 -5.27 -7.18 -14.62
CA GLU A 44 -6.69 -7.24 -15.04
C GLU A 44 -6.98 -8.48 -15.86
N ALA A 45 -7.92 -9.31 -15.41
CA ALA A 45 -8.28 -10.52 -16.17
C ALA A 45 -8.93 -10.08 -17.48
N ASN A 46 -8.62 -10.74 -18.58
CA ASN A 46 -9.17 -10.36 -19.88
C ASN A 46 -9.20 -8.86 -20.26
N HIS A 47 -8.05 -8.20 -20.14
CA HIS A 47 -7.93 -6.78 -20.49
C HIS A 47 -8.10 -6.66 -22.00
N PRO A 48 -8.91 -5.71 -22.47
CA PRO A 48 -9.13 -5.52 -23.91
C PRO A 48 -7.83 -5.35 -24.70
N GLY A 49 -6.91 -4.52 -24.20
CA GLY A 49 -5.65 -4.32 -24.89
C GLY A 49 -4.69 -5.53 -24.89
N LEU A 50 -4.98 -6.54 -24.07
CA LEU A 50 -4.12 -7.71 -24.00
C LEU A 50 -4.91 -9.03 -23.93
N GLU A 51 -5.74 -9.21 -24.95
CA GLU A 51 -6.56 -10.41 -25.12
C GLU A 51 -5.66 -11.61 -25.45
N ILE A 52 -5.73 -12.65 -24.66
CA ILE A 52 -4.88 -13.80 -24.94
C ILE A 52 -5.68 -14.96 -25.49
N PRO A 53 -5.49 -15.28 -26.78
CA PRO A 53 -6.15 -16.36 -27.51
C PRO A 53 -6.43 -17.55 -26.62
N ASN A 54 -7.73 -17.89 -26.47
CA ASN A 54 -8.17 -19.03 -25.66
C ASN A 54 -7.77 -18.98 -24.22
N PHE A 55 -7.91 -17.80 -23.62
CA PHE A 55 -7.50 -17.71 -22.25
C PHE A 55 -8.28 -16.67 -21.50
N LYS A 56 -8.86 -17.13 -20.40
CA LYS A 56 -9.60 -16.28 -19.54
C LYS A 56 -8.68 -16.09 -18.32
N GLY A 57 -8.26 -14.84 -18.11
CA GLY A 57 -7.38 -14.52 -16.98
C GLY A 57 -6.54 -13.31 -17.33
N SER A 58 -5.64 -12.93 -16.43
CA SER A 58 -4.74 -11.79 -16.64
C SER A 58 -3.45 -12.21 -17.33
N PHE A 59 -2.77 -11.21 -17.88
CA PHE A 59 -1.48 -11.38 -18.56
C PHE A 59 -0.61 -12.17 -17.57
N LEU A 60 -0.51 -11.62 -16.37
CA LEU A 60 0.25 -12.28 -15.35
C LEU A 60 -0.23 -13.72 -15.25
N ASP A 61 -1.54 -13.92 -15.20
CA ASP A 61 -2.10 -15.26 -15.10
C ASP A 61 -1.53 -16.22 -16.11
N TRP A 62 -1.55 -15.78 -17.37
CA TRP A 62 -1.06 -16.57 -18.47
C TRP A 62 0.40 -16.97 -18.23
N ALA A 63 1.22 -15.95 -18.00
CA ALA A 63 2.61 -16.19 -17.77
C ALA A 63 2.86 -17.15 -16.61
N LEU A 64 2.22 -16.88 -15.47
CA LEU A 64 2.47 -17.75 -14.34
C LEU A 64 2.07 -19.22 -14.56
N SER A 65 0.82 -19.43 -14.99
CA SER A 65 0.29 -20.77 -15.23
C SER A 65 1.12 -21.53 -16.24
N ASN A 66 1.54 -20.84 -17.28
CA ASN A 66 2.33 -21.50 -18.27
C ASN A 66 3.61 -22.01 -17.62
N LEU A 67 4.31 -21.12 -16.94
CA LEU A 67 5.55 -21.49 -16.27
C LEU A 67 5.32 -22.70 -15.35
N GLU A 68 4.17 -22.74 -14.67
CA GLU A 68 3.88 -23.84 -13.75
C GLU A 68 3.74 -25.15 -14.49
N ILE A 69 3.23 -25.06 -15.71
CA ILE A 69 3.07 -26.28 -16.46
C ILE A 69 4.44 -26.79 -16.84
N ALA A 70 5.19 -25.95 -17.55
CA ALA A 70 6.54 -26.33 -17.95
C ALA A 70 7.28 -26.97 -16.75
N HIS A 71 7.29 -26.27 -15.60
CA HIS A 71 8.01 -26.76 -14.44
C HIS A 71 7.51 -28.09 -13.90
N SER A 72 6.19 -28.25 -13.92
CA SER A 72 5.55 -29.47 -13.39
C SER A 72 6.14 -30.66 -14.05
N ARG A 73 6.31 -30.53 -15.37
CA ARG A 73 6.90 -31.56 -16.23
C ARG A 73 8.29 -31.98 -15.83
N ILE A 74 9.08 -31.04 -15.32
CA ILE A 74 10.43 -31.35 -14.87
C ILE A 74 10.51 -31.46 -13.37
N ARG A 75 9.48 -32.08 -12.80
CA ARG A 75 9.37 -32.39 -11.37
C ARG A 75 9.21 -31.29 -10.32
N ARG A 76 8.77 -30.09 -10.73
CA ARG A 76 8.67 -29.05 -9.71
C ARG A 76 7.73 -29.30 -8.56
N PHE A 77 6.53 -29.76 -8.87
CA PHE A 77 5.59 -29.93 -7.80
C PHE A 77 5.61 -31.21 -7.02
N GLU A 78 6.49 -32.15 -7.36
CA GLU A 78 6.54 -33.33 -6.52
C GLU A 78 7.49 -33.05 -5.36
N SER A 79 7.89 -31.79 -5.22
CA SER A 79 8.73 -31.36 -4.11
C SER A 79 7.72 -30.76 -3.11
N PRO A 80 7.63 -31.34 -1.90
CA PRO A 80 6.71 -30.90 -0.84
C PRO A 80 6.66 -29.40 -0.51
N ASP A 81 7.78 -28.71 -0.65
CA ASP A 81 7.86 -27.28 -0.36
C ASP A 81 7.39 -26.36 -1.48
N GLU A 82 6.93 -26.94 -2.59
CA GLU A 82 6.41 -26.19 -3.74
C GLU A 82 4.89 -26.46 -3.88
N THR A 83 4.06 -25.45 -3.67
CA THR A 83 2.60 -25.61 -3.80
C THR A 83 2.16 -24.71 -4.95
N PRO A 84 1.53 -25.28 -6.00
CA PRO A 84 1.06 -24.59 -7.21
C PRO A 84 -0.01 -23.57 -7.14
N PHE A 85 0.20 -22.46 -7.84
CA PHE A 85 -0.77 -21.37 -7.92
C PHE A 85 -1.91 -21.77 -8.84
N PHE A 86 -1.68 -22.78 -9.68
CA PHE A 86 -2.68 -23.27 -10.64
C PHE A 86 -2.68 -24.78 -10.69
N PRO A 87 -3.04 -25.45 -9.58
CA PRO A 87 -3.10 -26.92 -9.45
C PRO A 87 -3.96 -27.67 -10.46
N ASP A 88 -4.99 -26.97 -10.92
CA ASP A 88 -5.95 -27.43 -11.91
C ASP A 88 -5.32 -27.49 -13.33
N LYS A 89 -4.12 -26.94 -13.50
CA LYS A 89 -3.48 -26.89 -14.82
C LYS A 89 -2.11 -27.54 -14.88
N ILE A 90 -1.71 -28.24 -13.83
CA ILE A 90 -0.37 -28.82 -13.89
C ILE A 90 -0.28 -30.28 -14.32
N GLN A 91 0.61 -30.55 -15.29
CA GLN A 91 0.77 -31.92 -15.76
C GLN A 91 1.72 -32.77 -14.95
N LYS A 92 1.93 -33.99 -15.46
CA LYS A 92 2.81 -34.95 -14.82
C LYS A 92 4.22 -34.90 -15.40
N SER A 93 5.19 -35.25 -14.56
CA SER A 93 6.59 -35.20 -14.95
C SER A 93 7.02 -36.28 -15.88
N PHE A 94 7.71 -35.85 -16.93
CA PHE A 94 8.24 -36.76 -17.91
C PHE A 94 9.69 -37.11 -17.55
N LEU A 95 10.00 -36.99 -16.28
CA LEU A 95 11.33 -37.31 -15.79
C LEU A 95 11.10 -38.32 -14.70
N PRO A 96 12.03 -39.26 -14.54
CA PRO A 96 11.86 -40.25 -13.49
C PRO A 96 11.68 -39.55 -12.15
N SER A 97 10.68 -40.00 -11.42
CA SER A 97 10.34 -39.45 -10.13
C SER A 97 11.47 -39.48 -9.08
N ILE A 98 11.67 -38.36 -8.37
CA ILE A 98 12.64 -38.29 -7.25
C ILE A 98 11.75 -38.90 -6.16
N ASN A 99 12.16 -39.97 -5.49
CA ASN A 99 11.23 -40.49 -4.50
C ASN A 99 11.51 -40.07 -3.08
N TYR A 100 11.00 -38.86 -2.79
CA TYR A 100 11.14 -38.20 -1.50
C TYR A 100 10.35 -38.96 -0.46
N PRO A 101 10.97 -39.19 0.72
CA PRO A 101 10.24 -39.92 1.77
C PRO A 101 9.07 -39.01 2.22
N GLN A 102 8.00 -39.57 2.76
CA GLN A 102 6.94 -38.67 3.21
C GLN A 102 7.38 -38.05 4.49
N ILE A 103 7.27 -36.74 4.55
CA ILE A 103 7.68 -36.01 5.72
C ILE A 103 6.47 -35.28 6.24
N LEU A 104 5.47 -35.16 5.37
CA LEU A 104 4.23 -34.48 5.72
C LEU A 104 3.09 -35.45 5.50
N ALA A 105 1.91 -35.01 5.91
CA ALA A 105 0.70 -35.81 5.74
C ALA A 105 0.31 -35.73 4.27
N PRO A 106 -0.28 -36.82 3.77
CA PRO A 106 -0.76 -37.05 2.41
C PRO A 106 -1.66 -35.99 1.77
N TYR A 107 -2.31 -35.18 2.59
CA TYR A 107 -3.22 -34.18 2.06
C TYR A 107 -2.57 -32.83 1.86
N ALA A 108 -1.30 -32.73 2.23
CA ALA A 108 -0.58 -31.47 2.15
C ALA A 108 -0.80 -30.67 0.87
N PRO A 109 -0.77 -31.33 -0.29
CA PRO A 109 -0.97 -30.55 -1.53
C PRO A 109 -2.28 -29.78 -1.53
N GLU A 110 -3.25 -30.31 -0.80
CA GLU A 110 -4.58 -29.72 -0.74
C GLU A 110 -4.63 -28.46 0.09
N VAL A 111 -3.64 -28.28 0.97
CA VAL A 111 -3.57 -27.09 1.82
C VAL A 111 -2.97 -26.00 0.93
N ASN A 112 -3.80 -25.12 0.37
CA ASN A 112 -3.22 -24.19 -0.57
C ASN A 112 -3.77 -22.76 -0.66
N TYR A 113 -3.03 -21.82 -0.09
CA TYR A 113 -3.44 -20.41 -0.08
C TYR A 113 -3.04 -19.48 -1.19
N ASN A 114 -2.44 -20.01 -2.25
CA ASN A 114 -2.00 -19.15 -3.34
C ASN A 114 -3.06 -18.20 -3.81
N ASP A 115 -4.29 -18.70 -3.91
CA ASP A 115 -5.42 -17.86 -4.33
C ASP A 115 -5.41 -16.54 -3.54
N LYS A 116 -5.26 -16.66 -2.23
CA LYS A 116 -5.23 -15.48 -1.40
C LYS A 116 -3.97 -14.67 -1.66
N ILE A 117 -2.82 -15.32 -1.44
CA ILE A 117 -1.52 -14.67 -1.63
C ILE A 117 -1.45 -13.84 -2.89
N LYS A 118 -1.88 -14.42 -3.99
CA LYS A 118 -1.85 -13.69 -5.20
C LYS A 118 -2.75 -12.47 -5.10
N LYS A 119 -3.95 -12.62 -4.54
CA LYS A 119 -4.83 -11.45 -4.50
C LYS A 119 -4.23 -10.37 -3.62
N VAL A 120 -3.87 -10.75 -2.40
CA VAL A 120 -3.32 -9.78 -1.49
C VAL A 120 -2.03 -9.17 -2.04
N TYR A 121 -1.22 -9.98 -2.71
CA TYR A 121 0.00 -9.47 -3.28
C TYR A 121 -0.32 -8.33 -4.24
N ILE A 122 -1.22 -8.62 -5.17
CA ILE A 122 -1.59 -7.63 -6.15
C ILE A 122 -2.23 -6.40 -5.52
N GLU A 123 -3.20 -6.60 -4.62
CA GLU A 123 -3.88 -5.46 -4.02
C GLU A 123 -3.13 -4.67 -2.94
N LYS A 124 -2.51 -5.39 -2.02
CA LYS A 124 -1.80 -4.75 -0.94
C LYS A 124 -0.30 -4.54 -1.16
N ILE A 125 0.45 -5.57 -1.51
CA ILE A 125 1.90 -5.41 -1.70
C ILE A 125 2.35 -4.49 -2.84
N ILE A 126 1.90 -4.76 -4.05
CA ILE A 126 2.30 -3.92 -5.15
C ILE A 126 2.33 -2.42 -4.85
N PRO A 127 1.22 -1.87 -4.32
CA PRO A 127 1.12 -0.45 -4.00
C PRO A 127 2.22 0.02 -3.05
N LEU A 128 2.73 -0.90 -2.25
CA LEU A 128 3.80 -0.57 -1.32
C LEU A 128 5.18 -0.62 -1.92
N ILE A 129 5.38 -1.49 -2.91
CA ILE A 129 6.71 -1.58 -3.47
C ILE A 129 7.01 -1.03 -4.84
N SER A 130 6.04 -0.47 -5.56
CA SER A 130 6.37 0.03 -6.89
C SER A 130 6.64 1.53 -7.04
N LYS A 131 7.51 1.87 -8.00
CA LYS A 131 7.90 3.28 -8.26
C LYS A 131 6.79 4.30 -8.38
N ARG A 132 5.98 4.12 -9.42
CA ARG A 132 4.89 5.01 -9.72
C ARG A 132 3.64 4.14 -9.75
N ASP A 133 2.53 4.83 -9.98
CA ASP A 133 1.20 4.26 -10.11
C ASP A 133 0.90 4.48 -11.61
N GLY A 134 0.51 3.42 -12.31
CA GLY A 134 0.19 3.54 -13.73
C GLY A 134 0.78 2.43 -14.58
N ASP A 135 0.36 2.34 -15.84
CA ASP A 135 0.87 1.31 -16.75
C ASP A 135 2.20 1.74 -17.41
N ASP A 136 3.19 0.86 -17.42
CA ASP A 136 4.47 1.15 -18.08
C ASP A 136 4.21 0.36 -19.35
N LYS A 137 3.50 1.02 -20.25
CA LYS A 137 3.01 0.45 -21.49
C LYS A 137 3.89 -0.52 -22.28
N ASN A 138 5.18 -0.57 -21.95
CA ASN A 138 6.08 -1.51 -22.61
C ASN A 138 7.09 -2.22 -21.68
N ASN A 139 6.56 -2.69 -20.55
CA ASN A 139 7.33 -3.42 -19.54
C ASN A 139 6.50 -4.47 -18.83
N PHE A 140 5.30 -4.71 -19.35
CA PHE A 140 4.39 -5.69 -18.76
C PHE A 140 5.10 -7.03 -18.55
N GLY A 141 5.89 -7.42 -19.54
CA GLY A 141 6.63 -8.67 -19.42
C GLY A 141 7.63 -8.58 -18.28
N SER A 142 8.40 -7.51 -18.31
CA SER A 142 9.37 -7.27 -17.24
C SER A 142 8.68 -7.31 -15.86
N VAL A 143 7.58 -6.59 -15.71
CA VAL A 143 6.85 -6.58 -14.45
C VAL A 143 6.30 -7.96 -14.06
N ALA A 144 5.64 -8.62 -15.01
CA ALA A 144 5.02 -9.92 -14.74
C ALA A 144 6.01 -10.95 -14.28
N THR A 145 7.11 -11.06 -14.99
CA THR A 145 8.13 -12.05 -14.65
C THR A 145 8.64 -11.78 -13.26
N ARG A 146 8.83 -10.50 -12.95
CA ARG A 146 9.29 -10.18 -11.62
C ARG A 146 8.20 -10.55 -10.61
N ASP A 147 6.97 -10.15 -10.92
CA ASP A 147 5.87 -10.46 -10.03
C ASP A 147 5.90 -11.92 -9.62
N ILE A 148 6.15 -12.78 -10.61
CA ILE A 148 6.22 -14.22 -10.44
C ILE A 148 7.35 -14.65 -9.50
N GLU A 149 8.45 -13.91 -9.53
CA GLU A 149 9.56 -14.23 -8.66
C GLU A 149 9.11 -13.99 -7.24
N CYS A 150 8.42 -12.87 -7.03
CA CYS A 150 7.92 -12.51 -5.71
C CYS A 150 6.94 -13.55 -5.25
N LEU A 151 5.92 -13.76 -6.08
CA LEU A 151 4.89 -14.73 -5.79
C LEU A 151 5.43 -16.11 -5.47
N GLN A 152 6.41 -16.59 -6.23
CA GLN A 152 6.91 -17.93 -5.91
C GLN A 152 7.72 -18.00 -4.61
N SER A 153 8.34 -16.89 -4.23
CA SER A 153 9.09 -16.90 -2.98
C SER A 153 8.14 -16.78 -1.81
N LEU A 154 7.14 -15.91 -1.98
CA LEU A 154 6.14 -15.73 -0.93
C LEU A 154 5.49 -17.09 -0.70
N SER A 155 4.96 -17.68 -1.77
CA SER A 155 4.32 -18.98 -1.61
C SER A 155 5.20 -20.05 -0.97
N ARG A 156 6.47 -20.09 -1.32
CA ARG A 156 7.30 -21.12 -0.74
C ARG A 156 7.39 -20.95 0.75
N ARG A 157 7.72 -19.71 1.11
CA ARG A 157 7.87 -19.26 2.48
C ARG A 157 6.63 -19.53 3.29
N ILE A 158 5.53 -18.95 2.87
CA ILE A 158 4.26 -19.13 3.55
C ILE A 158 3.87 -20.59 3.70
N HIS A 159 3.84 -21.35 2.60
CA HIS A 159 3.47 -22.75 2.69
C HIS A 159 4.43 -23.57 3.49
N PHE A 160 5.51 -22.96 3.94
CA PHE A 160 6.43 -23.70 4.76
C PHE A 160 5.72 -24.03 6.10
N GLY A 161 4.65 -23.28 6.38
CA GLY A 161 3.87 -23.50 7.57
C GLY A 161 3.64 -24.98 7.78
N LYS A 162 3.20 -25.68 6.72
CA LYS A 162 2.95 -27.13 6.80
C LYS A 162 4.08 -27.85 7.56
N PHE A 163 5.33 -27.65 7.16
CA PHE A 163 6.47 -28.28 7.83
C PHE A 163 6.50 -27.92 9.33
N VAL A 164 6.37 -26.63 9.63
CA VAL A 164 6.35 -26.17 11.02
C VAL A 164 5.22 -26.90 11.75
N ALA A 165 4.02 -26.75 11.20
CA ALA A 165 2.81 -27.35 11.74
C ALA A 165 3.08 -28.83 12.10
N GLU A 166 3.42 -29.63 11.11
CA GLU A 166 3.76 -31.01 11.35
C GLU A 166 4.78 -31.13 12.51
N ALA A 167 5.86 -30.35 12.44
CA ALA A 167 6.92 -30.36 13.46
C ALA A 167 6.40 -30.21 14.86
N LYS A 168 5.49 -29.26 15.04
CA LYS A 168 4.89 -28.96 16.34
C LYS A 168 3.94 -30.07 16.83
N PHE A 169 3.19 -30.63 15.89
CA PHE A 169 2.25 -31.69 16.20
C PHE A 169 3.07 -32.80 16.82
N GLN A 170 4.04 -33.28 16.05
CA GLN A 170 4.94 -34.34 16.45
C GLN A 170 5.47 -34.17 17.86
N SER A 171 5.77 -32.93 18.22
CA SER A 171 6.35 -32.62 19.53
C SER A 171 5.42 -32.51 20.75
N ASP A 172 4.21 -33.06 20.66
CA ASP A 172 3.26 -33.02 21.77
C ASP A 172 1.96 -33.47 21.14
N ILE A 173 1.95 -34.71 20.66
CA ILE A 173 0.74 -35.22 20.01
C ILE A 173 -0.52 -34.96 20.83
N PRO A 174 -0.60 -35.51 22.06
CA PRO A 174 -1.79 -35.30 22.91
C PRO A 174 -2.37 -33.87 22.93
N LEU A 175 -1.54 -32.87 23.26
CA LEU A 175 -2.01 -31.48 23.30
C LEU A 175 -2.72 -31.06 22.02
N TYR A 176 -2.10 -31.41 20.91
CA TYR A 176 -2.66 -31.09 19.62
C TYR A 176 -3.82 -31.99 19.23
N THR A 177 -3.73 -33.27 19.57
CA THR A 177 -4.75 -34.24 19.24
C THR A 177 -6.05 -33.76 19.92
N LYS A 178 -5.89 -33.34 21.19
CA LYS A 178 -7.00 -32.80 21.99
C LYS A 178 -7.59 -31.59 21.24
N LEU A 179 -6.76 -30.57 21.05
CA LEU A 179 -7.15 -29.34 20.34
C LEU A 179 -7.87 -29.55 19.00
N ILE A 180 -7.35 -30.48 18.21
CA ILE A 180 -7.89 -30.78 16.87
C ILE A 180 -9.26 -31.42 16.89
N LYS A 181 -9.46 -32.42 17.74
CA LYS A 181 -10.76 -33.04 17.84
C LYS A 181 -11.79 -31.97 18.21
N SER A 182 -11.36 -31.05 19.08
CA SER A 182 -12.19 -29.95 19.57
C SER A 182 -12.46 -28.85 18.52
N LYS A 183 -11.67 -28.81 17.45
CA LYS A 183 -11.74 -27.76 16.41
C LYS A 183 -11.52 -26.43 17.10
N ASP A 184 -10.73 -26.51 18.16
CA ASP A 184 -10.40 -25.37 18.99
C ASP A 184 -9.38 -24.41 18.34
N VAL A 185 -9.81 -23.68 17.31
CA VAL A 185 -8.92 -22.73 16.60
C VAL A 185 -8.09 -21.91 17.55
N GLU A 186 -8.76 -21.03 18.29
CA GLU A 186 -8.10 -20.14 19.22
C GLU A 186 -7.08 -20.83 20.10
N GLY A 187 -7.36 -22.07 20.49
CA GLY A 187 -6.42 -22.79 21.32
C GLY A 187 -5.17 -23.16 20.55
N ILE A 188 -5.38 -23.70 19.36
CA ILE A 188 -4.28 -24.10 18.47
C ILE A 188 -3.46 -22.85 18.12
N MET A 189 -4.18 -21.81 17.71
CA MET A 189 -3.59 -20.54 17.33
C MET A 189 -2.68 -20.03 18.43
N LYS A 190 -3.16 -20.18 19.65
CA LYS A 190 -2.42 -19.76 20.82
C LYS A 190 -1.15 -20.57 20.95
N ASN A 191 -1.24 -21.88 20.79
CA ASN A 191 -0.06 -22.70 20.94
C ASN A 191 1.02 -22.55 19.88
N ILE A 192 0.62 -22.26 18.64
CA ILE A 192 1.63 -22.10 17.61
C ILE A 192 2.22 -20.69 17.66
N THR A 193 1.42 -19.68 18.04
CA THR A 193 2.02 -18.35 18.09
C THR A 193 3.17 -18.30 19.11
N ASN A 194 4.28 -17.72 18.68
CA ASN A 194 5.48 -17.59 19.49
C ASN A 194 5.97 -16.18 19.19
N SER A 195 5.29 -15.20 19.79
CA SER A 195 5.60 -13.80 19.54
C SER A 195 7.03 -13.38 19.62
N ALA A 196 7.76 -13.99 20.55
CA ALA A 196 9.17 -13.69 20.71
C ALA A 196 9.86 -13.74 19.33
N VAL A 197 9.75 -14.91 18.67
CA VAL A 197 10.33 -15.15 17.34
C VAL A 197 9.80 -14.16 16.30
N GLU A 198 8.48 -14.00 16.24
CA GLU A 198 7.87 -13.09 15.30
C GLU A 198 8.54 -11.73 15.45
N GLU A 199 8.76 -11.33 16.69
CA GLU A 199 9.36 -10.04 16.91
C GLU A 199 10.79 -9.95 16.42
N LYS A 200 11.61 -10.92 16.80
CA LYS A 200 13.00 -10.87 16.38
C LYS A 200 13.07 -10.83 14.84
N ILE A 201 12.14 -11.49 14.18
CA ILE A 201 12.08 -11.49 12.72
C ILE A 201 11.94 -10.05 12.18
N LEU A 202 10.90 -9.35 12.61
CA LEU A 202 10.68 -7.98 12.16
C LEU A 202 11.90 -7.09 12.45
N GLU A 203 12.66 -7.41 13.51
CA GLU A 203 13.88 -6.65 13.80
C GLU A 203 14.91 -6.85 12.66
N ARG A 204 15.19 -8.10 12.28
CA ARG A 204 16.15 -8.34 11.20
C ARG A 204 15.71 -7.62 9.95
N LEU A 205 14.46 -7.83 9.56
CA LEU A 205 13.94 -7.19 8.36
C LEU A 205 14.28 -5.72 8.24
N THR A 206 14.03 -4.98 9.32
CA THR A 206 14.31 -3.53 9.36
C THR A 206 15.77 -3.22 9.04
N LYS A 207 16.69 -4.03 9.58
CA LYS A 207 18.10 -3.77 9.34
C LYS A 207 18.45 -4.06 7.88
N LYS A 208 18.06 -5.26 7.44
CA LYS A 208 18.32 -5.73 6.08
C LYS A 208 17.82 -4.72 5.09
N ALA A 209 16.58 -4.31 5.28
CA ALA A 209 15.98 -3.34 4.41
C ALA A 209 16.84 -2.08 4.29
N GLU A 210 17.43 -1.68 5.42
CA GLU A 210 18.28 -0.49 5.50
C GLU A 210 19.52 -0.66 4.67
N VAL A 211 20.27 -1.72 4.95
CA VAL A 211 21.49 -2.01 4.23
C VAL A 211 21.36 -2.46 2.75
N TYR A 212 20.38 -3.32 2.46
CA TYR A 212 20.16 -3.83 1.08
C TYR A 212 19.42 -2.83 0.21
N GLY A 213 18.40 -2.20 0.80
CA GLY A 213 17.59 -1.25 0.06
C GLY A 213 18.21 0.06 -0.37
N VAL A 214 19.51 0.24 -0.12
CA VAL A 214 20.20 1.48 -0.50
C VAL A 214 21.53 1.23 -1.19
N ASP A 215 21.76 1.97 -2.28
CA ASP A 215 23.02 1.83 -3.03
C ASP A 215 24.15 2.20 -2.07
N PRO A 216 25.04 1.23 -1.76
CA PRO A 216 26.13 1.53 -0.85
C PRO A 216 27.20 2.49 -1.42
N THR A 217 26.85 3.28 -2.44
CA THR A 217 27.76 4.24 -3.10
C THR A 217 27.05 5.45 -3.78
N GLU A 222 17.92 7.06 -2.92
CA GLU A 222 18.11 5.85 -2.07
C GLU A 222 16.76 5.14 -1.96
N ARG A 223 16.64 4.26 -0.96
CA ARG A 223 15.44 3.48 -0.64
C ARG A 223 14.65 2.77 -1.72
N ARG A 224 15.27 1.75 -2.31
CA ARG A 224 14.59 0.95 -3.30
C ARG A 224 13.51 0.13 -2.53
N ILE A 225 13.72 -0.01 -1.23
CA ILE A 225 12.75 -0.67 -0.37
C ILE A 225 12.75 0.01 1.02
N THR A 226 11.54 0.39 1.43
CA THR A 226 11.26 1.05 2.69
C THR A 226 11.24 0.02 3.82
N PRO A 227 12.11 0.18 4.83
CA PRO A 227 12.13 -0.77 5.95
C PRO A 227 10.76 -0.94 6.61
N GLU A 228 10.07 0.18 6.86
CA GLU A 228 8.74 0.17 7.46
C GLU A 228 7.80 -0.68 6.62
N TYR A 229 7.78 -0.42 5.31
CA TYR A 229 6.93 -1.20 4.42
C TYR A 229 7.29 -2.68 4.49
N LEU A 230 8.58 -3.00 4.44
CA LEU A 230 8.95 -4.39 4.49
C LEU A 230 8.39 -5.07 5.75
N VAL A 231 8.41 -4.34 6.85
CA VAL A 231 7.89 -4.83 8.12
C VAL A 231 6.37 -4.98 7.98
N LYS A 232 5.71 -3.89 7.60
CA LYS A 232 4.27 -3.91 7.38
C LYS A 232 3.88 -5.18 6.63
N ILE A 233 4.43 -5.35 5.41
CA ILE A 233 4.15 -6.53 4.57
C ILE A 233 4.22 -7.82 5.38
N TYR A 234 5.38 -8.04 6.00
CA TYR A 234 5.57 -9.25 6.80
C TYR A 234 4.53 -9.37 7.93
N LYS A 235 4.57 -8.37 8.80
CA LYS A 235 3.70 -8.26 9.97
C LYS A 235 2.22 -8.46 9.65
N GLU A 236 1.73 -7.76 8.64
CA GLU A 236 0.33 -7.86 8.26
C GLU A 236 -0.04 -9.07 7.43
N ILE A 237 0.82 -9.43 6.48
CA ILE A 237 0.54 -10.53 5.57
C ILE A 237 1.31 -11.85 5.69
N VAL A 238 2.61 -11.77 5.45
CA VAL A 238 3.45 -12.96 5.44
C VAL A 238 3.24 -13.83 6.65
N ILE A 239 3.55 -13.26 7.80
CA ILE A 239 3.44 -14.00 9.03
C ILE A 239 2.03 -14.43 9.45
N PRO A 240 1.02 -13.60 9.15
CA PRO A 240 -0.36 -13.98 9.49
C PRO A 240 -0.82 -15.22 8.66
N ILE A 241 -0.57 -15.18 7.35
CA ILE A 241 -0.99 -16.30 6.53
C ILE A 241 -0.17 -17.54 6.82
N THR A 242 1.09 -17.39 7.21
CA THR A 242 1.88 -18.58 7.49
C THR A 242 1.14 -19.34 8.62
N LYS A 243 0.76 -18.63 9.69
CA LYS A 243 0.06 -19.28 10.81
C LYS A 243 -1.25 -19.87 10.31
N GLU A 244 -1.97 -19.04 9.55
CA GLU A 244 -3.25 -19.45 8.98
C GLU A 244 -3.15 -20.82 8.25
N VAL A 245 -1.96 -21.15 7.76
CA VAL A 245 -1.73 -22.43 7.10
C VAL A 245 -1.45 -23.50 8.16
N GLU A 246 -0.81 -23.10 9.26
CA GLU A 246 -0.51 -24.07 10.30
C GLU A 246 -1.79 -24.59 10.93
N VAL A 247 -2.76 -23.71 11.22
CA VAL A 247 -3.99 -24.20 11.84
C VAL A 247 -4.69 -25.14 10.86
N GLU A 248 -4.85 -24.65 9.64
CA GLU A 248 -5.47 -25.39 8.56
C GLU A 248 -4.89 -26.79 8.44
N TYR A 249 -3.56 -26.88 8.30
CA TYR A 249 -2.87 -28.15 8.19
C TYR A 249 -3.15 -28.96 9.45
N LEU A 250 -3.24 -28.27 10.58
CA LEU A 250 -3.47 -28.94 11.83
C LEU A 250 -4.84 -29.57 11.98
N LEU A 251 -5.87 -28.83 11.58
CA LEU A 251 -7.23 -29.33 11.69
C LEU A 251 -7.38 -30.67 10.97
N ARG A 252 -6.85 -30.74 9.76
CA ARG A 252 -6.91 -31.96 8.95
C ARG A 252 -5.85 -33.01 9.37
N ARG A 253 -5.06 -32.72 10.40
CA ARG A 253 -3.98 -33.63 10.77
C ARG A 253 -4.39 -35.01 11.28
N LEU A 254 -5.45 -35.04 12.08
CA LEU A 254 -5.98 -36.29 12.61
C LEU A 254 -6.86 -36.92 11.58
N GLU A 255 -7.35 -36.08 10.67
CA GLU A 255 -8.24 -36.48 9.59
C GLU A 255 -8.20 -37.97 9.31
N GLU A 256 -7.26 -38.44 8.51
CA GLU A 256 -7.26 -39.87 8.29
C GLU A 256 -5.86 -40.44 8.14
N MET B 1 -2.05 37.03 -3.31
CA MET B 1 -3.18 36.12 -3.62
C MET B 1 -4.34 36.30 -2.63
N ASP B 2 -5.39 36.98 -3.09
CA ASP B 2 -6.60 37.29 -2.32
C ASP B 2 -7.81 36.73 -3.06
N PHE B 3 -8.71 36.01 -2.39
CA PHE B 3 -9.90 35.47 -3.08
C PHE B 3 -10.91 36.49 -3.68
N THR B 4 -10.73 37.76 -3.39
CA THR B 4 -11.60 38.77 -3.94
C THR B 4 -10.84 39.66 -4.95
N LYS B 5 -9.85 39.06 -5.59
CA LYS B 5 -9.02 39.68 -6.61
C LYS B 5 -8.73 38.48 -7.51
N PRO B 6 -9.75 37.98 -8.24
CA PRO B 6 -9.63 36.83 -9.13
C PRO B 6 -8.29 36.79 -9.89
N GLU B 7 -7.82 37.96 -10.27
CA GLU B 7 -6.55 38.09 -10.99
C GLU B 7 -5.35 37.55 -10.17
N THR B 8 -5.26 37.90 -8.89
CA THR B 8 -4.15 37.40 -8.05
C THR B 8 -4.30 35.92 -7.75
N VAL B 9 -5.54 35.45 -7.76
CA VAL B 9 -5.85 34.04 -7.50
C VAL B 9 -5.43 33.16 -8.66
N LEU B 10 -5.77 33.61 -9.87
CA LEU B 10 -5.43 32.84 -11.07
C LEU B 10 -4.03 33.05 -11.61
N ASN B 11 -3.18 33.72 -10.85
CA ASN B 11 -1.83 33.93 -11.29
C ASN B 11 -1.06 32.66 -10.94
N LEU B 12 -0.43 32.05 -11.93
CA LEU B 12 0.31 30.81 -11.68
C LEU B 12 1.44 30.96 -10.66
N GLN B 13 2.09 32.12 -10.64
CA GLN B 13 3.17 32.34 -9.69
C GLN B 13 2.64 32.42 -8.27
N ASN B 14 1.65 33.29 -8.06
CA ASN B 14 1.08 33.47 -6.73
C ASN B 14 0.66 32.14 -6.16
N ILE B 15 0.11 31.31 -7.04
CA ILE B 15 -0.35 29.99 -6.67
C ILE B 15 0.83 29.16 -6.18
N ARG B 16 1.92 29.18 -6.92
CA ARG B 16 3.08 28.39 -6.51
C ARG B 16 3.62 28.88 -5.18
N ASP B 17 3.60 30.19 -4.97
CA ASP B 17 4.10 30.79 -3.73
C ASP B 17 3.28 30.26 -2.55
N GLU B 18 1.97 30.22 -2.75
CA GLU B 18 1.09 29.72 -1.71
C GLU B 18 1.41 28.23 -1.47
N LEU B 19 1.58 27.40 -2.52
CA LEU B 19 1.89 25.99 -2.29
C LEU B 19 3.17 25.85 -1.46
N VAL B 20 4.09 26.78 -1.67
CA VAL B 20 5.33 26.77 -0.96
C VAL B 20 5.14 27.01 0.55
N ARG B 21 4.35 28.02 0.93
CA ARG B 21 4.14 28.28 2.35
C ARG B 21 3.60 27.02 2.98
N MET B 22 2.82 26.27 2.20
CA MET B 22 2.26 25.04 2.72
C MET B 22 3.24 23.94 3.06
N GLU B 23 4.34 23.92 2.36
CA GLU B 23 5.35 22.90 2.61
C GLU B 23 5.70 22.86 4.08
N ASP B 24 5.92 24.03 4.65
CA ASP B 24 6.27 24.14 6.06
C ASP B 24 5.12 23.63 6.93
N SER B 25 3.91 24.11 6.64
CA SER B 25 2.74 23.67 7.40
C SER B 25 2.70 22.15 7.51
N ILE B 26 2.83 21.49 6.37
CA ILE B 26 2.77 20.05 6.34
C ILE B 26 3.87 19.41 7.14
N ILE B 27 5.07 19.95 7.02
CA ILE B 27 6.22 19.45 7.75
C ILE B 27 5.90 19.52 9.23
N PHE B 28 5.51 20.70 9.67
CA PHE B 28 5.16 20.89 11.05
C PHE B 28 4.13 19.85 11.50
N LYS B 29 3.11 19.67 10.68
CA LYS B 29 2.07 18.73 11.04
C LYS B 29 2.58 17.32 11.13
N PHE B 30 3.47 16.95 10.20
CA PHE B 30 4.05 15.63 10.22
C PHE B 30 4.82 15.47 11.51
N ILE B 31 5.72 16.42 11.75
CA ILE B 31 6.53 16.40 12.96
C ILE B 31 5.69 16.18 14.22
N GLU B 32 4.54 16.81 14.29
CA GLU B 32 3.66 16.64 15.44
C GLU B 32 3.12 15.20 15.53
N ARG B 33 2.64 14.70 14.40
CA ARG B 33 2.12 13.34 14.38
C ARG B 33 3.21 12.31 14.72
N SER B 34 4.46 12.62 14.36
CA SER B 34 5.61 11.74 14.57
C SER B 34 5.84 11.35 16.00
N HIS B 35 5.27 12.10 16.95
CA HIS B 35 5.46 11.79 18.36
C HIS B 35 4.70 10.58 18.85
N PHE B 36 3.74 10.08 18.05
CA PHE B 36 2.92 8.94 18.47
C PHE B 36 3.06 7.72 17.60
N ALA B 37 2.66 6.57 18.15
CA ALA B 37 2.73 5.30 17.43
C ALA B 37 1.75 5.32 16.26
N THR B 38 1.78 4.27 15.44
CA THR B 38 0.88 4.26 14.30
C THR B 38 -0.59 4.22 14.68
N CYS B 39 -0.91 3.52 15.78
CA CYS B 39 -2.29 3.38 16.25
C CYS B 39 -3.31 2.85 15.25
N PRO B 40 -3.10 1.61 14.80
CA PRO B 40 -3.96 0.92 13.85
C PRO B 40 -5.44 1.10 14.15
N SER B 41 -5.83 0.79 15.39
CA SER B 41 -7.22 0.90 15.80
C SER B 41 -7.97 2.17 15.44
N VAL B 42 -7.27 3.29 15.31
CA VAL B 42 -7.93 4.56 15.01
C VAL B 42 -8.55 4.60 13.63
N TYR B 43 -7.90 3.89 12.72
CA TYR B 43 -8.31 3.88 11.32
C TYR B 43 -9.22 2.72 10.95
N GLU B 44 -9.31 1.67 11.79
CA GLU B 44 -10.21 0.54 11.48
C GLU B 44 -11.66 0.94 11.57
N ALA B 45 -12.41 0.77 10.48
CA ALA B 45 -13.85 1.10 10.49
C ALA B 45 -14.55 0.14 11.47
N ASN B 46 -15.49 0.62 12.26
CA ASN B 46 -16.18 -0.22 13.23
C ASN B 46 -15.35 -1.20 14.07
N HIS B 47 -14.31 -0.67 14.74
CA HIS B 47 -13.45 -1.48 15.59
C HIS B 47 -14.28 -1.90 16.80
N PRO B 48 -14.22 -3.18 17.20
CA PRO B 48 -14.99 -3.66 18.35
C PRO B 48 -14.73 -2.85 19.62
N GLY B 49 -13.46 -2.56 19.92
CA GLY B 49 -13.15 -1.78 21.11
C GLY B 49 -13.57 -0.31 21.07
N LEU B 50 -13.98 0.19 19.91
CA LEU B 50 -14.37 1.58 19.77
C LEU B 50 -15.61 1.75 18.89
N GLU B 51 -16.68 1.08 19.30
CA GLU B 51 -17.98 1.13 18.62
C GLU B 51 -18.61 2.50 18.85
N ILE B 52 -18.93 3.19 17.77
CA ILE B 52 -19.53 4.52 17.94
C ILE B 52 -21.00 4.51 17.60
N PRO B 53 -21.86 4.66 18.63
CA PRO B 53 -23.32 4.68 18.54
C PRO B 53 -23.80 5.31 17.24
N ASN B 54 -24.52 4.52 16.44
CA ASN B 54 -25.06 4.98 15.15
C ASN B 54 -24.06 5.46 14.15
N PHE B 55 -22.96 4.74 14.05
CA PHE B 55 -21.95 5.18 13.14
C PHE B 55 -21.15 4.04 12.57
N LYS B 56 -21.12 4.03 11.25
CA LYS B 56 -20.36 3.05 10.54
C LYS B 56 -19.15 3.83 10.00
N GLY B 57 -17.95 3.45 10.48
CA GLY B 57 -16.73 4.10 10.06
C GLY B 57 -15.69 3.99 11.16
N SER B 58 -14.53 4.59 10.96
CA SER B 58 -13.44 4.58 11.94
C SER B 58 -13.55 5.75 12.91
N PHE B 59 -12.85 5.61 14.04
CA PHE B 59 -12.78 6.63 15.08
C PHE B 59 -12.40 7.92 14.37
N LEU B 60 -11.31 7.84 13.63
CA LEU B 60 -10.87 8.97 12.86
C LEU B 60 -12.05 9.48 12.04
N ASP B 61 -12.73 8.57 11.36
CA ASP B 61 -13.88 8.96 10.54
C ASP B 61 -14.87 9.84 11.24
N TRP B 62 -15.25 9.38 12.43
CA TRP B 62 -16.21 10.10 13.26
C TRP B 62 -15.72 11.52 13.54
N ALA B 63 -14.50 11.58 14.10
CA ALA B 63 -13.93 12.85 14.42
C ALA B 63 -13.86 13.78 13.21
N LEU B 64 -13.32 13.29 12.11
CA LEU B 64 -13.20 14.16 10.95
C LEU B 64 -14.53 14.69 10.42
N SER B 65 -15.47 13.78 10.15
CA SER B 65 -16.78 14.14 9.62
C SER B 65 -17.50 15.10 10.51
N ASN B 66 -17.41 14.87 11.81
CA ASN B 66 -18.08 15.76 12.72
C ASN B 66 -17.53 17.16 12.55
N LEU B 67 -16.20 17.28 12.63
CA LEU B 67 -15.55 18.56 12.48
C LEU B 67 -15.98 19.23 11.16
N GLU B 68 -16.15 18.45 10.09
CA GLU B 68 -16.54 19.01 8.80
C GLU B 68 -17.94 19.59 8.87
N ILE B 69 -18.77 18.97 9.67
CA ILE B 69 -20.13 19.47 9.77
C ILE B 69 -20.10 20.80 10.49
N ALA B 70 -19.56 20.78 11.70
CA ALA B 70 -19.45 22.01 12.47
C ALA B 70 -18.91 23.15 11.57
N HIS B 71 -17.79 22.90 10.89
CA HIS B 71 -17.17 23.92 10.07
C HIS B 71 -18.03 24.41 8.91
N SER B 72 -18.74 23.46 8.28
CA SER B 72 -19.59 23.77 7.13
C SER B 72 -20.53 24.86 7.48
N ARG B 73 -21.09 24.72 8.69
CA ARG B 73 -22.03 25.68 9.26
C ARG B 73 -21.49 27.09 9.37
N ILE B 74 -20.20 27.21 9.65
CA ILE B 74 -19.58 28.53 9.75
C ILE B 74 -18.79 28.86 8.52
N ARG B 75 -19.37 28.51 7.37
CA ARG B 75 -18.84 28.80 6.04
C ARG B 75 -17.55 28.17 5.52
N ARG B 76 -17.12 27.06 6.11
CA ARG B 76 -15.87 26.48 5.62
C ARG B 76 -15.82 26.07 4.17
N PHE B 77 -16.85 25.34 3.74
CA PHE B 77 -16.78 24.87 2.39
C PHE B 77 -17.25 25.76 1.28
N GLU B 78 -17.71 26.96 1.60
CA GLU B 78 -18.06 27.84 0.49
C GLU B 78 -16.80 28.57 0.05
N SER B 79 -15.65 28.15 0.57
CA SER B 79 -14.36 28.71 0.19
C SER B 79 -13.83 27.69 -0.85
N PRO B 80 -13.61 28.15 -2.09
CA PRO B 80 -13.12 27.31 -3.19
C PRO B 80 -11.91 26.41 -2.94
N ASP B 81 -11.00 26.86 -2.07
CA ASP B 81 -9.78 26.11 -1.74
C ASP B 81 -9.97 25.02 -0.67
N GLU B 82 -11.20 24.85 -0.19
CA GLU B 82 -11.53 23.83 0.81
C GLU B 82 -12.48 22.78 0.17
N THR B 83 -12.01 21.54 0.02
CA THR B 83 -12.83 20.48 -0.57
C THR B 83 -13.04 19.42 0.52
N PRO B 84 -14.29 19.13 0.89
CA PRO B 84 -14.70 18.18 1.94
C PRO B 84 -14.40 16.72 1.80
N PHE B 85 -13.92 16.13 2.89
CA PHE B 85 -13.62 14.70 2.93
C PHE B 85 -14.91 13.91 3.04
N PHE B 86 -16.00 14.58 3.46
CA PHE B 86 -17.31 13.96 3.64
C PHE B 86 -18.41 14.85 3.10
N PRO B 87 -18.42 15.13 1.79
CA PRO B 87 -19.41 15.99 1.11
C PRO B 87 -20.88 15.61 1.27
N ASP B 88 -21.09 14.33 1.48
CA ASP B 88 -22.40 13.71 1.71
C ASP B 88 -22.95 14.04 3.11
N LYS B 89 -22.12 14.63 3.97
CA LYS B 89 -22.54 14.92 5.35
C LYS B 89 -22.43 16.38 5.75
N ILE B 90 -22.16 17.26 4.81
CA ILE B 90 -22.01 18.65 5.21
C ILE B 90 -23.24 19.55 5.07
N GLN B 91 -23.57 20.27 6.14
CA GLN B 91 -24.74 21.15 6.08
C GLN B 91 -24.46 22.53 5.51
N LYS B 92 -25.50 23.36 5.56
CA LYS B 92 -25.45 24.71 5.07
C LYS B 92 -25.11 25.70 6.18
N SER B 93 -24.47 26.80 5.76
CA SER B 93 -24.03 27.81 6.71
C SER B 93 -25.13 28.66 7.27
N PHE B 94 -25.09 28.81 8.59
CA PHE B 94 -26.05 29.64 9.28
C PHE B 94 -25.46 31.03 9.48
N LEU B 95 -24.52 31.39 8.61
CA LEU B 95 -23.90 32.69 8.67
C LEU B 95 -24.10 33.27 7.29
N PRO B 96 -24.27 34.58 7.22
CA PRO B 96 -24.47 35.20 5.91
C PRO B 96 -23.30 34.83 5.00
N SER B 97 -23.66 34.42 3.80
CA SER B 97 -22.70 34.00 2.80
C SER B 97 -21.64 35.05 2.42
N ILE B 98 -20.38 34.64 2.33
CA ILE B 98 -19.27 35.51 1.87
C ILE B 98 -19.49 35.33 0.36
N ASN B 99 -19.69 36.40 -0.41
CA ASN B 99 -19.93 36.12 -1.82
C ASN B 99 -18.72 36.27 -2.71
N TYR B 100 -17.93 35.21 -2.71
CA TYR B 100 -16.68 35.10 -3.46
C TYR B 100 -16.99 35.07 -4.95
N PRO B 101 -16.23 35.86 -5.73
CA PRO B 101 -16.48 35.87 -7.18
C PRO B 101 -16.10 34.48 -7.70
N GLN B 102 -16.66 34.04 -8.82
CA GLN B 102 -16.25 32.74 -9.32
C GLN B 102 -14.91 32.89 -9.94
N ILE B 103 -14.01 32.01 -9.56
CA ILE B 103 -12.66 32.07 -10.06
C ILE B 103 -12.39 30.75 -10.74
N LEU B 104 -13.22 29.77 -10.42
CA LEU B 104 -13.10 28.43 -10.99
C LEU B 104 -14.41 28.08 -11.66
N ALA B 105 -14.40 26.96 -12.35
CA ALA B 105 -15.58 26.47 -13.03
C ALA B 105 -16.52 25.91 -11.96
N PRO B 106 -17.82 26.02 -12.21
CA PRO B 106 -18.95 25.60 -11.39
C PRO B 106 -18.95 24.15 -10.87
N TYR B 107 -18.21 23.28 -11.52
CA TYR B 107 -18.20 21.88 -11.10
C TYR B 107 -17.08 21.55 -10.15
N ALA B 108 -16.25 22.55 -9.86
CA ALA B 108 -15.08 22.34 -9.03
C ALA B 108 -15.32 21.51 -7.77
N PRO B 109 -16.41 21.77 -7.04
CA PRO B 109 -16.65 20.97 -5.83
C PRO B 109 -16.68 19.47 -6.10
N GLU B 110 -17.07 19.13 -7.33
CA GLU B 110 -17.19 17.74 -7.73
C GLU B 110 -15.87 17.07 -7.96
N VAL B 111 -14.84 17.85 -8.18
CA VAL B 111 -13.48 17.31 -8.41
C VAL B 111 -12.94 16.99 -7.00
N ASN B 112 -13.00 15.74 -6.58
CA ASN B 112 -12.62 15.50 -5.20
C ASN B 112 -11.90 14.19 -4.84
N TYR B 113 -10.59 14.29 -4.63
CA TYR B 113 -9.77 13.12 -4.30
C TYR B 113 -9.56 12.72 -2.86
N ASN B 114 -10.25 13.36 -1.94
CA ASN B 114 -10.06 13.05 -0.53
C ASN B 114 -10.11 11.57 -0.25
N ASP B 115 -11.06 10.89 -0.88
CA ASP B 115 -11.19 9.43 -0.72
C ASP B 115 -9.83 8.75 -0.86
N LYS B 116 -9.12 9.13 -1.92
CA LYS B 116 -7.81 8.57 -2.15
C LYS B 116 -6.83 9.04 -1.08
N ILE B 117 -6.66 10.36 -1.01
CA ILE B 117 -5.73 10.97 -0.05
C ILE B 117 -5.81 10.33 1.32
N LYS B 118 -7.02 10.20 1.83
CA LYS B 118 -7.17 9.60 3.10
C LYS B 118 -6.64 8.17 3.09
N LYS B 119 -6.97 7.40 2.06
CA LYS B 119 -6.51 6.02 2.09
C LYS B 119 -5.00 5.96 2.02
N VAL B 120 -4.43 6.64 1.03
CA VAL B 120 -3.00 6.63 0.89
C VAL B 120 -2.30 7.19 2.13
N TYR B 121 -2.89 8.22 2.73
CA TYR B 121 -2.31 8.80 3.91
C TYR B 121 -2.18 7.72 4.98
N ILE B 122 -3.28 7.05 5.25
CA ILE B 122 -3.30 6.02 6.26
C ILE B 122 -2.37 4.88 5.93
N GLU B 123 -2.44 4.36 4.70
CA GLU B 123 -1.59 3.23 4.35
C GLU B 123 -0.11 3.49 4.06
N LYS B 124 0.16 4.54 3.31
CA LYS B 124 1.53 4.87 2.97
C LYS B 124 2.22 5.89 3.89
N ILE B 125 1.63 7.05 4.11
CA ILE B 125 2.27 8.06 4.96
C ILE B 125 2.48 7.70 6.42
N ILE B 126 1.42 7.34 7.11
CA ILE B 126 1.59 7.00 8.51
C ILE B 126 2.83 6.16 8.84
N PRO B 127 3.02 5.04 8.13
CA PRO B 127 4.16 4.15 8.35
C PRO B 127 5.50 4.87 8.24
N LEU B 128 5.51 5.93 7.46
CA LEU B 128 6.74 6.70 7.27
C LEU B 128 6.98 7.73 8.35
N ILE B 129 5.91 8.27 8.92
CA ILE B 129 6.12 9.30 9.92
C ILE B 129 5.87 9.00 11.39
N SER B 130 5.45 7.80 11.76
CA SER B 130 5.20 7.57 13.19
C SER B 130 6.29 6.86 13.99
N LYS B 131 6.40 7.20 15.27
CA LYS B 131 7.41 6.64 16.19
C LYS B 131 7.57 5.12 16.18
N ARG B 132 6.51 4.46 16.62
CA ARG B 132 6.50 3.01 16.73
C ARG B 132 5.32 2.56 15.88
N ASP B 133 5.18 1.24 15.85
CA ASP B 133 4.12 0.52 15.17
C ASP B 133 3.31 -0.07 16.34
N GLY B 134 2.00 0.17 16.36
CA GLY B 134 1.17 -0.36 17.43
C GLY B 134 0.17 0.65 17.96
N ASP B 135 -0.79 0.19 18.78
CA ASP B 135 -1.79 1.10 19.36
C ASP B 135 -1.26 1.78 20.64
N ASP B 136 -1.45 3.10 20.75
CA ASP B 136 -1.04 3.84 21.95
C ASP B 136 -2.42 3.93 22.59
N LYS B 137 -2.78 2.84 23.27
CA LYS B 137 -4.09 2.62 23.86
C LYS B 137 -4.82 3.79 24.52
N ASN B 138 -4.10 4.88 24.79
CA ASN B 138 -4.73 6.06 25.38
C ASN B 138 -4.27 7.41 24.78
N ASN B 139 -4.20 7.43 23.45
CA ASN B 139 -3.82 8.62 22.68
C ASN B 139 -4.54 8.70 21.34
N PHE B 140 -5.53 7.83 21.16
CA PHE B 140 -6.28 7.80 19.92
C PHE B 140 -6.81 9.18 19.56
N GLY B 141 -7.28 9.91 20.55
CA GLY B 141 -7.77 11.25 20.32
C GLY B 141 -6.64 12.14 19.85
N SER B 142 -5.54 12.10 20.60
CA SER B 142 -4.37 12.87 20.24
C SER B 142 -3.94 12.55 18.80
N VAL B 143 -3.82 11.27 18.46
CA VAL B 143 -3.45 10.87 17.11
C VAL B 143 -4.44 11.32 16.04
N ALA B 144 -5.73 11.07 16.29
CA ALA B 144 -6.77 11.39 15.33
C ALA B 144 -6.80 12.85 14.97
N THR B 145 -6.78 13.69 16.00
CA THR B 145 -6.84 15.14 15.80
C THR B 145 -5.66 15.57 14.98
N ARG B 146 -4.50 15.00 15.28
CA ARG B 146 -3.34 15.34 14.50
C ARG B 146 -3.52 14.85 13.08
N ASP B 147 -3.95 13.60 12.94
CA ASP B 147 -4.16 13.05 11.61
C ASP B 147 -4.96 14.02 10.75
N ILE B 148 -6.00 14.58 11.36
CA ILE B 148 -6.89 15.54 10.70
C ILE B 148 -6.17 16.81 10.27
N GLU B 149 -5.17 17.22 11.03
CA GLU B 149 -4.43 18.42 10.68
C GLU B 149 -3.67 18.12 9.42
N CYS B 150 -3.08 16.93 9.36
CA CYS B 150 -2.30 16.51 8.20
C CYS B 150 -3.22 16.42 7.01
N LEU B 151 -4.27 15.63 7.17
CA LEU B 151 -5.25 15.46 6.12
C LEU B 151 -5.82 16.76 5.57
N GLN B 152 -6.13 17.71 6.43
CA GLN B 152 -6.69 18.95 5.91
C GLN B 152 -5.66 19.80 5.16
N SER B 153 -4.39 19.68 5.53
CA SER B 153 -3.39 20.44 4.82
C SER B 153 -3.06 19.80 3.50
N LEU B 154 -2.98 18.46 3.53
CA LEU B 154 -2.71 17.72 2.30
C LEU B 154 -3.84 18.06 1.33
N SER B 155 -5.08 17.85 1.75
CA SER B 155 -6.19 18.15 0.86
C SER B 155 -6.20 19.57 0.32
N ARG B 156 -5.86 20.54 1.14
CA ARG B 156 -5.90 21.90 0.64
C ARG B 156 -4.92 22.08 -0.48
N ARG B 157 -3.70 21.64 -0.18
CA ARG B 157 -2.55 21.68 -1.06
C ARG B 157 -2.84 21.00 -2.37
N ILE B 158 -3.15 19.71 -2.29
CA ILE B 158 -3.45 18.92 -3.45
C ILE B 158 -4.58 19.51 -4.29
N HIS B 159 -5.73 19.79 -3.68
CA HIS B 159 -6.84 20.35 -4.44
C HIS B 159 -6.55 21.72 -5.00
N PHE B 160 -5.39 22.26 -4.66
CA PHE B 160 -5.05 23.54 -5.22
C PHE B 160 -4.86 23.37 -6.74
N GLY B 161 -4.64 22.12 -7.16
CA GLY B 161 -4.48 21.80 -8.56
C GLY B 161 -5.51 22.54 -9.37
N LYS B 162 -6.79 22.48 -8.96
CA LYS B 162 -7.87 23.16 -9.68
C LYS B 162 -7.47 24.59 -10.08
N PHE B 163 -6.99 25.39 -9.14
CA PHE B 163 -6.56 26.76 -9.44
C PHE B 163 -5.47 26.78 -10.50
N VAL B 164 -4.45 25.95 -10.33
CA VAL B 164 -3.36 25.85 -11.31
C VAL B 164 -3.96 25.50 -12.68
N ALA B 165 -4.70 24.39 -12.68
CA ALA B 165 -5.35 23.88 -13.88
C ALA B 165 -6.07 25.03 -14.61
N GLU B 166 -7.04 25.64 -13.94
CA GLU B 166 -7.74 26.77 -14.50
C GLU B 166 -6.73 27.81 -15.06
N ALA B 167 -5.74 28.17 -14.25
CA ALA B 167 -4.72 29.17 -14.63
C ALA B 167 -4.05 28.86 -15.95
N LYS B 168 -3.70 27.60 -16.14
CA LYS B 168 -3.02 27.13 -17.35
C LYS B 168 -3.94 27.11 -18.57
N PHE B 169 -5.20 26.73 -18.34
CA PHE B 169 -6.19 26.69 -19.39
C PHE B 169 -6.27 28.08 -19.97
N GLN B 170 -6.62 29.02 -19.10
CA GLN B 170 -6.73 30.42 -19.42
C GLN B 170 -5.60 30.94 -20.29
N SER B 171 -4.39 30.47 -20.00
CA SER B 171 -3.20 30.92 -20.70
C SER B 171 -2.85 30.31 -22.06
N ASP B 172 -3.81 29.67 -22.71
CA ASP B 172 -3.60 29.06 -24.03
C ASP B 172 -4.84 28.22 -24.25
N ILE B 173 -5.98 28.89 -24.31
CA ILE B 173 -7.22 28.16 -24.50
C ILE B 173 -7.14 27.12 -25.62
N PRO B 174 -6.89 27.56 -26.87
CA PRO B 174 -6.81 26.61 -27.99
C PRO B 174 -6.03 25.31 -27.73
N LEU B 175 -4.78 25.40 -27.27
CA LEU B 175 -3.98 24.21 -26.99
C LEU B 175 -4.72 23.22 -26.09
N TYR B 176 -5.30 23.76 -25.04
CA TYR B 176 -6.03 22.93 -24.10
C TYR B 176 -7.40 22.50 -24.63
N THR B 177 -8.08 23.41 -25.34
CA THR B 177 -9.39 23.14 -25.88
C THR B 177 -9.24 21.93 -26.82
N LYS B 178 -8.18 21.97 -27.63
CA LYS B 178 -7.84 20.89 -28.56
C LYS B 178 -7.66 19.59 -27.76
N LEU B 179 -6.68 19.60 -26.85
CA LEU B 179 -6.39 18.46 -25.99
C LEU B 179 -7.59 17.84 -25.28
N ILE B 180 -8.46 18.69 -24.75
CA ILE B 180 -9.65 18.26 -24.00
C ILE B 180 -10.70 17.56 -24.85
N LYS B 181 -11.00 18.13 -26.00
CA LYS B 181 -11.98 17.49 -26.89
C LYS B 181 -11.45 16.10 -27.24
N SER B 182 -10.14 16.00 -27.43
CA SER B 182 -9.46 14.75 -27.77
C SER B 182 -9.39 13.73 -26.62
N LYS B 183 -9.60 14.18 -25.38
CA LYS B 183 -9.48 13.35 -24.16
C LYS B 183 -8.05 12.82 -24.13
N ASP B 184 -7.17 13.63 -24.69
CA ASP B 184 -5.76 13.33 -24.81
C ASP B 184 -5.00 13.46 -23.47
N VAL B 185 -5.24 12.54 -22.54
CA VAL B 185 -4.57 12.56 -21.22
C VAL B 185 -3.10 12.85 -21.33
N GLU B 186 -2.37 11.89 -21.89
CA GLU B 186 -0.93 12.02 -22.04
C GLU B 186 -0.47 13.36 -22.57
N GLY B 187 -1.26 13.94 -23.47
CA GLY B 187 -0.89 15.23 -24.04
C GLY B 187 -1.03 16.32 -22.99
N ILE B 188 -2.17 16.32 -22.30
CA ILE B 188 -2.45 17.29 -21.25
C ILE B 188 -1.42 17.14 -20.14
N MET B 189 -1.22 15.89 -19.73
CA MET B 189 -0.28 15.53 -18.67
C MET B 189 1.11 16.10 -19.00
N LYS B 190 1.46 15.99 -20.27
CA LYS B 190 2.74 16.48 -20.75
C LYS B 190 2.79 17.99 -20.60
N ASN B 191 1.74 18.67 -21.00
CA ASN B 191 1.76 20.12 -20.92
C ASN B 191 1.76 20.73 -19.52
N ILE B 192 1.10 20.07 -18.57
CA ILE B 192 1.08 20.62 -17.24
C ILE B 192 2.36 20.23 -16.50
N THR B 193 2.94 19.06 -16.78
CA THR B 193 4.17 18.74 -16.07
C THR B 193 5.28 19.76 -16.38
N ASN B 194 5.94 20.22 -15.33
CA ASN B 194 7.01 21.20 -15.42
C ASN B 194 8.06 20.69 -14.45
N SER B 195 8.76 19.64 -14.85
CA SER B 195 9.76 19.01 -14.00
C SER B 195 10.74 19.90 -13.28
N ALA B 196 11.14 20.98 -13.95
CA ALA B 196 12.06 21.91 -13.36
C ALA B 196 11.57 22.31 -11.95
N VAL B 197 10.33 22.82 -11.90
CA VAL B 197 9.67 23.23 -10.66
C VAL B 197 9.56 22.08 -9.65
N GLU B 198 9.06 20.94 -10.12
CA GLU B 198 8.92 19.78 -9.27
C GLU B 198 10.25 19.50 -8.59
N GLU B 199 11.32 19.61 -9.37
CA GLU B 199 12.61 19.33 -8.80
C GLU B 199 13.04 20.33 -7.74
N LYS B 200 12.93 21.63 -8.06
CA LYS B 200 13.34 22.62 -7.11
C LYS B 200 12.55 22.45 -5.79
N ILE B 201 11.29 22.01 -5.90
CA ILE B 201 10.46 21.76 -4.72
C ILE B 201 11.12 20.71 -3.81
N LEU B 202 11.39 19.53 -4.36
CA LEU B 202 12.01 18.47 -3.56
C LEU B 202 13.34 18.93 -2.94
N GLU B 203 14.03 19.87 -3.60
CA GLU B 203 15.27 20.41 -3.03
C GLU B 203 14.96 21.18 -1.72
N ARG B 204 13.98 22.11 -1.75
CA ARG B 204 13.64 22.86 -0.54
C ARG B 204 13.26 21.90 0.56
N LEU B 205 12.35 20.98 0.27
CA LEU B 205 11.90 20.02 1.26
C LEU B 205 13.03 19.38 2.06
N THR B 206 14.04 18.89 1.33
CA THR B 206 15.20 18.25 1.98
C THR B 206 15.90 19.17 2.97
N LYS B 207 16.03 20.45 2.63
CA LYS B 207 16.70 21.37 3.54
C LYS B 207 15.83 21.60 4.77
N LYS B 208 14.57 21.97 4.53
CA LYS B 208 13.60 22.26 5.57
C LYS B 208 13.54 21.12 6.54
N ALA B 209 13.39 19.93 6.00
CA ALA B 209 13.32 18.75 6.82
C ALA B 209 14.53 18.64 7.76
N GLU B 210 15.70 19.03 7.24
CA GLU B 210 16.95 18.99 7.99
C GLU B 210 16.93 19.96 9.15
N VAL B 211 16.66 21.22 8.84
CA VAL B 211 16.60 22.25 9.85
C VAL B 211 15.40 22.21 10.84
N TYR B 212 14.20 21.92 10.33
CA TYR B 212 12.98 21.86 11.17
C TYR B 212 12.88 20.55 11.94
N GLY B 213 13.20 19.46 11.26
CA GLY B 213 13.11 18.14 11.86
C GLY B 213 14.06 17.78 12.97
N VAL B 214 14.90 18.73 13.41
CA VAL B 214 15.87 18.47 14.48
C VAL B 214 15.90 19.57 15.52
N ASP B 215 15.92 19.16 16.80
CA ASP B 215 15.96 20.12 17.90
C ASP B 215 17.25 20.93 17.75
N PRO B 216 17.12 22.25 17.51
CA PRO B 216 18.33 23.06 17.36
C PRO B 216 19.16 23.24 18.64
N THR B 217 19.00 22.34 19.62
CA THR B 217 19.71 22.39 20.91
C THR B 217 19.87 21.01 21.62
N GLU B 222 17.46 12.99 17.56
CA GLU B 222 17.16 13.99 16.49
C GLU B 222 16.12 13.37 15.54
N ARG B 223 16.00 13.94 14.35
CA ARG B 223 15.11 13.51 13.28
C ARG B 223 13.66 13.16 13.55
N ARG B 224 12.88 14.18 13.93
CA ARG B 224 11.46 13.99 14.15
C ARG B 224 10.85 13.73 12.74
N ILE B 225 11.56 14.18 11.71
CA ILE B 225 11.15 13.94 10.34
C ILE B 225 12.39 13.71 9.46
N THR B 226 12.34 12.60 8.74
CA THR B 226 13.40 12.16 7.84
C THR B 226 13.29 12.92 6.51
N PRO B 227 14.34 13.65 6.11
CA PRO B 227 14.31 14.39 4.84
C PRO B 227 13.95 13.51 3.65
N GLU B 228 14.57 12.34 3.57
CA GLU B 228 14.31 11.38 2.50
C GLU B 228 12.83 11.03 2.46
N TYR B 229 12.28 10.67 3.62
CA TYR B 229 10.85 10.35 3.69
C TYR B 229 10.01 11.53 3.24
N LEU B 230 10.33 12.74 3.72
CA LEU B 230 9.53 13.88 3.32
C LEU B 230 9.50 14.01 1.78
N VAL B 231 10.64 13.75 1.17
CA VAL B 231 10.76 13.80 -0.29
C VAL B 231 9.92 12.68 -0.89
N LYS B 232 10.18 11.45 -0.45
CA LYS B 232 9.41 10.31 -0.91
C LYS B 232 7.92 10.66 -0.92
N ILE B 233 7.36 11.01 0.24
CA ILE B 233 5.96 11.39 0.37
C ILE B 233 5.53 12.34 -0.74
N TYR B 234 6.23 13.48 -0.84
CA TYR B 234 5.89 14.46 -1.86
C TYR B 234 5.99 13.88 -3.28
N LYS B 235 7.19 13.43 -3.61
CA LYS B 235 7.52 12.84 -4.91
C LYS B 235 6.56 11.75 -5.36
N GLU B 236 6.27 10.80 -4.47
CA GLU B 236 5.38 9.71 -4.81
C GLU B 236 3.90 10.03 -4.74
N ILE B 237 3.50 10.79 -3.71
CA ILE B 237 2.09 11.10 -3.50
C ILE B 237 1.57 12.52 -3.77
N VAL B 238 2.07 13.46 -2.97
CA VAL B 238 1.58 14.83 -3.05
C VAL B 238 1.56 15.36 -4.46
N ILE B 239 2.73 15.42 -5.05
CA ILE B 239 2.84 15.95 -6.40
C ILE B 239 2.15 15.17 -7.51
N PRO B 240 2.12 13.83 -7.39
CA PRO B 240 1.44 13.02 -8.41
C PRO B 240 -0.10 13.29 -8.38
N ILE B 241 -0.68 13.28 -7.20
CA ILE B 241 -2.11 13.50 -7.11
C ILE B 241 -2.47 14.95 -7.46
N THR B 242 -1.59 15.90 -7.18
CA THR B 242 -1.94 17.27 -7.52
C THR B 242 -2.17 17.31 -9.04
N LYS B 243 -1.24 16.73 -9.81
CA LYS B 243 -1.38 16.73 -11.29
C LYS B 243 -2.66 15.98 -11.67
N GLU B 244 -2.82 14.81 -11.05
CA GLU B 244 -3.98 13.98 -11.28
C GLU B 244 -5.30 14.77 -11.15
N VAL B 245 -5.29 15.84 -10.36
CA VAL B 245 -6.46 16.70 -10.20
C VAL B 245 -6.50 17.71 -11.34
N GLU B 246 -5.32 18.12 -11.81
CA GLU B 246 -5.30 19.08 -12.90
C GLU B 246 -5.90 18.49 -14.17
N VAL B 247 -5.54 17.25 -14.49
CA VAL B 247 -6.07 16.66 -15.72
C VAL B 247 -7.59 16.52 -15.58
N GLU B 248 -8.00 15.94 -14.47
CA GLU B 248 -9.39 15.75 -14.12
C GLU B 248 -10.18 17.03 -14.29
N TYR B 249 -9.74 18.09 -13.63
CA TYR B 249 -10.39 19.40 -13.73
C TYR B 249 -10.39 19.85 -15.19
N LEU B 250 -9.32 19.52 -15.88
CA LEU B 250 -9.19 19.91 -17.27
C LEU B 250 -10.16 19.24 -18.21
N LEU B 251 -10.31 17.93 -18.06
CA LEU B 251 -11.21 17.17 -18.93
C LEU B 251 -12.62 17.76 -18.91
N ARG B 252 -13.11 18.05 -17.71
CA ARG B 252 -14.44 18.63 -17.53
C ARG B 252 -14.48 20.14 -17.79
N ARG B 253 -13.36 20.74 -18.19
CA ARG B 253 -13.32 22.19 -18.37
C ARG B 253 -14.19 22.76 -19.48
N LEU B 254 -14.24 22.06 -20.61
CA LEU B 254 -15.06 22.47 -21.74
C LEU B 254 -16.46 22.01 -21.51
N GLU B 255 -16.58 20.99 -20.65
CA GLU B 255 -17.86 20.38 -20.31
C GLU B 255 -19.06 21.27 -20.62
N GLU B 256 -19.41 22.20 -19.73
CA GLU B 256 -20.55 23.01 -20.08
C GLU B 256 -20.41 24.43 -19.57
#